data_1XT5
#
_entry.id   1XT5
#
_cell.length_a   59.191
_cell.length_b   59.191
_cell.length_c   79.263
_cell.angle_alpha   90.00
_cell.angle_beta   90.00
_cell.angle_gamma   120.00
#
_symmetry.space_group_name_H-M   'P 31 2 1'
#
loop_
_entity.id
_entity.type
_entity.pdbx_description
1 polymer 'variable region-containing chitin-binding protein 3'
2 non-polymer 'SULFATE ION'
3 water water
#
_entity_poly.entity_id   1
_entity_poly.type   'polypeptide(L)'
_entity_poly.pdbx_seq_one_letter_code
;GQSIMTVRTTHTEVEVHAGGTVELPCSYQLANDTQPPVISWLKGASPDRSTKVFKGNYNWQGEGLGFVESDSYKESFGDF
LGRASVANLAAPTLRLTHVHPQDGGRYWCQVAQWSIRTEFGLDAKSVVLKVTGHT
;
_entity_poly.pdbx_strand_id   A
#
loop_
_chem_comp.id
_chem_comp.type
_chem_comp.name
_chem_comp.formula
SO4 non-polymer 'SULFATE ION' 'O4 S -2'
#
# COMPACT_ATOMS: atom_id res chain seq x y z
N GLY A 1 -18.02 -14.86 10.56
CA GLY A 1 -17.03 -15.87 10.90
C GLY A 1 -15.72 -15.71 10.19
N GLN A 2 -15.69 -16.17 8.93
CA GLN A 2 -14.44 -16.11 8.16
C GLN A 2 -13.98 -14.69 7.97
N SER A 3 -12.74 -14.36 8.34
CA SER A 3 -12.16 -13.07 8.04
C SER A 3 -11.96 -12.96 6.52
N ILE A 4 -12.39 -11.84 5.92
CA ILE A 4 -12.21 -11.69 4.46
C ILE A 4 -11.72 -10.28 4.15
N MET A 5 -10.56 -10.21 3.51
CA MET A 5 -9.98 -8.96 3.04
C MET A 5 -10.47 -8.55 1.69
N THR A 6 -10.78 -7.26 1.49
CA THR A 6 -11.08 -6.77 0.15
C THR A 6 -10.41 -5.42 -0.03
N VAL A 7 -9.53 -5.32 -0.99
CA VAL A 7 -8.89 -4.06 -1.39
C VAL A 7 -9.69 -3.47 -2.52
N ARG A 8 -9.79 -2.13 -2.52
CA ARG A 8 -10.37 -1.37 -3.62
C ARG A 8 -9.46 -0.24 -4.01
N THR A 9 -9.58 0.19 -5.27
CA THR A 9 -8.80 1.25 -5.85
C THR A 9 -9.70 2.12 -6.71
N THR A 10 -9.79 3.40 -6.39
CA THR A 10 -10.60 4.31 -7.16
C THR A 10 -10.04 4.52 -8.57
N HIS A 11 -8.71 4.38 -8.71
CA HIS A 11 -8.01 4.65 -9.93
C HIS A 11 -7.16 3.45 -10.33
N THR A 12 -7.27 2.99 -11.57
CA THR A 12 -6.41 1.97 -12.10
C THR A 12 -5.13 2.50 -12.72
N GLU A 13 -5.10 3.82 -12.91
CA GLU A 13 -3.89 4.49 -13.40
C GLU A 13 -3.93 5.94 -12.93
N VAL A 14 -2.76 6.48 -12.77
CA VAL A 14 -2.48 7.87 -12.41
C VAL A 14 -1.29 8.34 -13.22
N GLU A 15 -1.25 9.61 -13.55
CA GLU A 15 -0.15 10.18 -14.36
C GLU A 15 0.44 11.38 -13.60
N VAL A 16 1.75 11.55 -13.70
CA VAL A 16 2.43 12.71 -13.18
C VAL A 16 3.67 13.00 -14.00
N HIS A 17 4.12 14.25 -13.96
CA HIS A 17 5.42 14.58 -14.55
C HIS A 17 6.55 14.09 -13.64
N ALA A 18 7.69 13.76 -14.22
CA ALA A 18 8.88 13.43 -13.43
C ALA A 18 9.22 14.68 -12.66
N GLY A 19 9.64 14.48 -11.42
CA GLY A 19 9.98 15.47 -10.46
C GLY A 19 8.78 15.85 -9.62
N GLY A 20 7.59 15.45 -10.05
CA GLY A 20 6.38 15.80 -9.33
C GLY A 20 6.06 14.82 -8.22
N THR A 21 4.96 15.08 -7.54
CA THR A 21 4.40 14.29 -6.47
C THR A 21 3.09 13.69 -6.94
N VAL A 22 2.87 12.41 -6.66
CA VAL A 22 1.69 11.71 -7.07
C VAL A 22 1.15 10.88 -5.92
N GLU A 23 -0.18 10.65 -5.94
CA GLU A 23 -0.81 9.75 -5.01
C GLU A 23 -1.53 8.59 -5.75
N LEU A 24 -1.39 7.41 -5.18
CA LEU A 24 -1.96 6.19 -5.75
C LEU A 24 -3.02 5.71 -4.73
N PRO A 25 -4.31 5.98 -4.97
CA PRO A 25 -5.31 5.65 -3.95
C PRO A 25 -5.45 4.17 -3.68
N CYS A 26 -5.76 3.86 -2.42
CA CYS A 26 -6.06 2.50 -2.04
C CYS A 26 -6.94 2.51 -0.78
N SER A 27 -7.91 1.62 -0.75
CA SER A 27 -8.75 1.44 0.41
C SER A 27 -8.89 -0.08 0.69
N TYR A 28 -9.36 -0.44 1.88
CA TYR A 28 -9.65 -1.84 2.13
C TYR A 28 -10.75 -1.94 3.18
N GLN A 29 -11.36 -3.13 3.20
CA GLN A 29 -12.25 -3.57 4.22
C GLN A 29 -11.84 -4.97 4.65
N LEU A 30 -11.83 -5.21 5.95
CA LEU A 30 -11.51 -6.52 6.50
C LEU A 30 -12.67 -6.97 7.28
N ALA A 31 -13.44 -7.87 6.74
CA ALA A 31 -14.64 -8.35 7.41
C ALA A 31 -14.24 -9.35 8.50
N ASN A 32 -14.82 -9.24 9.68
CA ASN A 32 -14.73 -10.17 10.75
C ASN A 32 -13.33 -10.38 11.33
N ASP A 33 -12.51 -9.36 11.32
CA ASP A 33 -11.19 -9.41 11.98
C ASP A 33 -10.85 -7.98 12.37
N THR A 34 -10.79 -7.71 13.65
CA THR A 34 -10.51 -6.36 14.11
C THR A 34 -9.01 -6.16 14.38
N GLN A 35 -8.19 -7.19 14.21
CA GLN A 35 -6.75 -7.04 14.41
C GLN A 35 -6.13 -6.18 13.30
N PRO A 36 -5.17 -5.32 13.57
CA PRO A 36 -4.58 -4.51 12.46
C PRO A 36 -3.88 -5.37 11.43
N PRO A 37 -4.06 -5.11 10.14
CA PRO A 37 -3.38 -5.82 9.07
C PRO A 37 -2.03 -5.22 8.81
N VAL A 38 -1.41 -5.67 7.72
CA VAL A 38 -0.14 -5.15 7.25
C VAL A 38 -0.28 -4.74 5.79
N ILE A 39 0.19 -3.52 5.53
CA ILE A 39 0.09 -2.89 4.23
C ILE A 39 1.41 -2.98 3.53
N SER A 40 1.42 -3.42 2.28
CA SER A 40 2.59 -3.41 1.45
C SER A 40 2.27 -2.74 0.11
N TRP A 41 3.12 -1.85 -0.33
CA TRP A 41 3.11 -1.36 -1.72
C TRP A 41 4.33 -1.97 -2.38
N LEU A 42 4.08 -2.63 -3.51
CA LEU A 42 5.02 -3.48 -4.20
C LEU A 42 5.03 -3.08 -5.67
N LYS A 43 6.18 -2.78 -6.25
CA LYS A 43 6.23 -2.35 -7.65
C LYS A 43 6.69 -3.49 -8.52
N GLY A 44 5.88 -3.89 -9.49
CA GLY A 44 6.27 -4.93 -10.43
C GLY A 44 5.04 -5.50 -11.12
N ALA A 45 5.31 -6.55 -11.89
CA ALA A 45 4.24 -7.20 -12.65
C ALA A 45 3.14 -7.80 -11.76
N SER A 46 3.58 -8.34 -10.61
CA SER A 46 2.62 -9.00 -9.73
C SER A 46 3.11 -8.80 -8.27
N PRO A 47 2.28 -9.06 -7.30
CA PRO A 47 2.74 -8.86 -5.91
C PRO A 47 3.99 -9.63 -5.60
N ASP A 48 4.15 -10.84 -6.11
CA ASP A 48 5.31 -11.64 -5.77
C ASP A 48 6.48 -11.27 -6.68
N ARG A 49 6.26 -10.77 -7.89
CA ARG A 49 7.30 -10.42 -8.87
C ARG A 49 7.47 -8.90 -8.81
N SER A 50 8.10 -8.48 -7.70
CA SER A 50 8.07 -7.07 -7.39
C SER A 50 9.26 -6.70 -6.56
N THR A 51 9.42 -5.39 -6.35
CA THR A 51 10.33 -4.81 -5.40
C THR A 51 9.53 -4.00 -4.38
N LYS A 52 10.00 -3.96 -3.14
CA LYS A 52 9.31 -3.25 -2.08
C LYS A 52 9.38 -1.77 -2.26
N VAL A 53 8.21 -1.11 -2.07
CA VAL A 53 8.13 0.35 -2.03
C VAL A 53 7.95 0.83 -0.57
N PHE A 54 6.95 0.25 0.09
CA PHE A 54 6.52 0.65 1.39
C PHE A 54 5.97 -0.56 2.11
N LYS A 55 6.15 -0.61 3.42
CA LYS A 55 5.47 -1.57 4.28
C LYS A 55 5.09 -0.85 5.59
N GLY A 56 3.95 -1.19 6.15
CA GLY A 56 3.58 -0.65 7.44
C GLY A 56 2.47 -1.40 8.10
N ASN A 57 2.33 -1.16 9.40
CA ASN A 57 1.21 -1.69 10.14
C ASN A 57 1.03 -0.89 11.42
N TYR A 58 -0.21 -0.74 11.86
CA TYR A 58 -0.44 -0.22 13.20
C TYR A 58 0.12 -1.21 14.23
N ASN A 59 0.60 -0.72 15.32
CA ASN A 59 1.03 -1.57 16.42
C ASN A 59 -0.17 -1.88 17.28
N TRP A 60 -0.07 -3.03 17.93
CA TRP A 60 -1.11 -3.54 18.81
C TRP A 60 -1.18 -2.64 20.02
N GLN A 61 -2.41 -2.37 20.39
CA GLN A 61 -2.80 -1.48 21.49
C GLN A 61 -3.40 -2.30 22.62
N GLY A 62 -4.16 -3.33 22.27
CA GLY A 62 -4.90 -4.06 23.29
C GLY A 62 -6.21 -4.61 22.77
N GLU A 63 -6.82 -5.53 23.50
CA GLU A 63 -8.07 -6.16 23.11
C GLU A 63 -9.18 -5.15 22.88
N GLY A 64 -8.90 -4.10 22.12
CA GLY A 64 -9.88 -3.07 21.82
C GLY A 64 -9.34 -1.67 22.03
N LEU A 65 -8.13 -1.41 21.54
CA LEU A 65 -7.50 -0.11 21.67
C LEU A 65 -7.29 0.57 20.32
N GLY A 66 -8.36 1.10 19.73
CA GLY A 66 -8.28 1.76 18.44
C GLY A 66 -6.85 1.94 17.94
N PHE A 67 -6.62 1.90 16.64
CA PHE A 67 -5.32 1.99 15.99
C PHE A 67 -4.91 3.46 16.13
N VAL A 68 -3.64 3.69 16.24
CA VAL A 68 -3.09 5.01 16.48
C VAL A 68 -1.99 5.28 15.46
N GLU A 69 -2.14 6.26 14.64
CA GLU A 69 -1.20 6.48 13.56
C GLU A 69 0.24 6.69 14.01
N SER A 70 0.39 7.36 15.15
CA SER A 70 1.69 7.57 15.77
C SER A 70 2.34 6.36 16.36
N ASP A 71 1.60 5.27 16.55
CA ASP A 71 2.09 4.03 17.12
C ASP A 71 1.97 2.96 16.03
N SER A 72 2.90 3.03 15.08
CA SER A 72 2.86 2.22 13.91
C SER A 72 4.28 2.00 13.40
N TYR A 73 4.44 0.96 12.63
CA TYR A 73 5.61 0.70 11.78
C TYR A 73 5.31 1.25 10.40
N LYS A 74 6.23 2.06 9.88
CA LYS A 74 6.13 2.56 8.52
C LYS A 74 7.53 2.61 7.94
N GLU A 75 7.75 2.06 6.77
CA GLU A 75 9.09 2.07 6.17
C GLU A 75 8.97 2.13 4.66
N SER A 76 9.82 2.94 4.04
CA SER A 76 10.01 2.94 2.59
C SER A 76 11.37 2.34 2.26
N PHE A 77 11.47 1.78 1.04
CA PHE A 77 12.58 0.90 0.70
C PHE A 77 13.29 1.25 -0.58
N GLY A 78 14.59 0.90 -0.64
CA GLY A 78 15.29 0.94 -1.89
C GLY A 78 15.30 2.34 -2.48
N ASP A 79 15.04 2.39 -3.80
CA ASP A 79 15.06 3.64 -4.49
C ASP A 79 13.93 4.57 -4.04
N PHE A 80 12.99 4.07 -3.26
CA PHE A 80 11.85 4.85 -2.80
C PHE A 80 12.05 5.41 -1.41
N LEU A 81 13.15 5.04 -0.78
CA LEU A 81 13.38 5.48 0.60
C LEU A 81 13.40 6.96 0.62
N GLY A 82 12.64 7.53 1.55
CA GLY A 82 12.49 8.91 1.68
C GLY A 82 11.57 9.63 0.73
N ARG A 83 11.00 8.96 -0.23
CA ARG A 83 10.07 9.49 -1.19
C ARG A 83 8.68 8.91 -1.11
N ALA A 84 8.50 7.76 -0.49
CA ALA A 84 7.24 7.08 -0.43
C ALA A 84 6.68 7.16 1.00
N SER A 85 5.40 7.45 1.12
CA SER A 85 4.77 7.52 2.43
C SER A 85 3.30 7.09 2.32
N VAL A 86 2.76 6.65 3.44
CA VAL A 86 1.35 6.32 3.59
C VAL A 86 0.86 7.05 4.82
N ALA A 87 0.03 8.07 4.63
CA ALA A 87 -0.43 8.91 5.75
C ALA A 87 -1.38 8.19 6.69
N ASN A 88 -2.17 7.29 6.15
CA ASN A 88 -3.24 6.65 6.93
C ASN A 88 -3.25 5.17 6.59
N LEU A 89 -2.75 4.32 7.50
CA LEU A 89 -2.68 2.91 7.18
C LEU A 89 -4.02 2.26 7.02
N ALA A 90 -5.07 2.83 7.60
CA ALA A 90 -6.43 2.32 7.44
C ALA A 90 -7.01 2.70 6.09
N ALA A 91 -6.41 3.58 5.34
CA ALA A 91 -6.88 4.06 4.02
C ALA A 91 -5.61 4.32 3.22
N PRO A 92 -4.87 3.26 2.86
CA PRO A 92 -3.44 3.33 2.60
C PRO A 92 -3.00 3.82 1.23
N THR A 93 -3.58 4.91 0.76
CA THR A 93 -3.07 5.64 -0.38
C THR A 93 -1.60 5.94 -0.21
N LEU A 94 -0.85 5.66 -1.28
CA LEU A 94 0.59 5.92 -1.34
C LEU A 94 0.85 7.30 -1.95
N ARG A 95 1.74 8.05 -1.31
CA ARG A 95 2.26 9.32 -1.85
C ARG A 95 3.72 9.08 -2.23
N LEU A 96 4.08 9.44 -3.46
CA LEU A 96 5.44 9.32 -3.98
C LEU A 96 5.90 10.68 -4.41
N THR A 97 7.01 11.17 -3.86
CA THR A 97 7.54 12.51 -4.23
C THR A 97 8.73 12.33 -5.18
N HIS A 98 9.10 13.45 -5.79
CA HIS A 98 10.31 13.51 -6.66
C HIS A 98 10.30 12.35 -7.66
N VAL A 99 9.18 12.18 -8.37
CA VAL A 99 9.02 11.02 -9.23
C VAL A 99 10.09 10.96 -10.29
N HIS A 100 10.73 9.80 -10.38
CA HIS A 100 11.82 9.59 -11.37
C HIS A 100 11.26 9.00 -12.66
N PRO A 101 11.96 9.20 -13.73
CA PRO A 101 11.51 8.58 -15.02
C PRO A 101 11.15 7.09 -14.88
N GLN A 102 12.00 6.34 -14.18
CA GLN A 102 11.78 4.90 -14.08
C GLN A 102 10.82 4.54 -12.96
N ASP A 103 10.22 5.49 -12.30
CA ASP A 103 9.16 5.17 -11.39
C ASP A 103 7.89 4.77 -12.11
N GLY A 104 7.75 4.99 -13.44
CA GLY A 104 6.58 4.46 -14.12
C GLY A 104 6.52 2.97 -14.00
N GLY A 105 5.30 2.42 -13.95
CA GLY A 105 5.13 1.01 -13.79
C GLY A 105 3.86 0.68 -13.07
N ARG A 106 3.89 -0.44 -12.37
CA ARG A 106 2.71 -1.01 -11.76
C ARG A 106 2.92 -1.17 -10.25
N TYR A 107 2.06 -0.55 -9.45
CA TYR A 107 2.18 -0.51 -8.02
C TYR A 107 1.02 -1.26 -7.40
N TRP A 108 1.33 -2.30 -6.65
CA TRP A 108 0.33 -3.13 -5.98
C TRP A 108 0.13 -2.65 -4.56
N CYS A 109 -1.14 -2.36 -4.24
CA CYS A 109 -1.57 -2.12 -2.86
C CYS A 109 -2.06 -3.47 -2.33
N GLN A 110 -1.29 -4.03 -1.42
CA GLN A 110 -1.57 -5.32 -0.81
C GLN A 110 -1.87 -5.08 0.67
N VAL A 111 -2.98 -5.66 1.14
CA VAL A 111 -3.33 -5.58 2.55
C VAL A 111 -3.60 -7.02 3.02
N ALA A 112 -2.99 -7.40 4.14
CA ALA A 112 -3.06 -8.78 4.56
C ALA A 112 -3.13 -8.86 6.08
N GLN A 113 -3.80 -9.90 6.56
CA GLN A 113 -3.64 -10.28 7.94
C GLN A 113 -2.16 -10.48 8.28
N TRP A 114 -1.77 -10.23 9.50
CA TRP A 114 -0.37 -10.46 9.90
C TRP A 114 0.04 -11.92 9.70
N SER A 115 -0.85 -12.82 10.01
CA SER A 115 -0.67 -14.25 9.70
C SER A 115 -1.80 -14.63 8.75
N ILE A 116 -1.41 -14.95 7.53
CA ILE A 116 -2.40 -15.22 6.47
C ILE A 116 -2.87 -16.65 6.61
N ARG A 117 -3.89 -16.84 7.46
CA ARG A 117 -4.32 -18.19 7.81
C ARG A 117 -4.92 -18.95 6.68
N THR A 118 -5.59 -18.20 5.82
CA THR A 118 -6.30 -18.70 4.69
C THR A 118 -6.15 -17.73 3.53
N GLU A 119 -6.56 -18.16 2.34
CA GLU A 119 -6.50 -17.28 1.17
C GLU A 119 -7.42 -16.09 1.29
N PHE A 120 -8.38 -16.15 2.20
CA PHE A 120 -9.28 -15.03 2.45
C PHE A 120 -8.58 -13.85 3.10
N GLY A 121 -7.40 -14.05 3.69
CA GLY A 121 -6.78 -13.02 4.51
C GLY A 121 -5.89 -12.04 3.82
N LEU A 122 -5.75 -12.07 2.48
CA LEU A 122 -4.96 -11.15 1.72
C LEU A 122 -5.75 -10.66 0.52
N ASP A 123 -5.57 -9.40 0.12
CA ASP A 123 -6.01 -8.98 -1.21
C ASP A 123 -5.01 -7.97 -1.73
N ALA A 124 -5.04 -7.74 -3.02
CA ALA A 124 -4.15 -6.75 -3.65
C ALA A 124 -4.77 -6.32 -4.96
N LYS A 125 -4.58 -5.04 -5.29
CA LYS A 125 -4.94 -4.48 -6.58
C LYS A 125 -3.82 -3.56 -7.02
N SER A 126 -3.71 -3.35 -8.33
CA SER A 126 -2.63 -2.53 -8.86
C SER A 126 -3.13 -1.21 -9.43
N VAL A 127 -2.24 -0.22 -9.33
CA VAL A 127 -2.42 1.10 -9.89
C VAL A 127 -1.18 1.38 -10.78
N VAL A 128 -1.43 1.66 -12.04
CA VAL A 128 -0.34 2.04 -12.93
C VAL A 128 0.04 3.47 -12.73
N LEU A 129 1.31 3.73 -12.71
CA LEU A 129 1.86 5.09 -12.70
C LEU A 129 2.48 5.36 -14.10
N LYS A 130 1.91 6.35 -14.76
CA LYS A 130 2.45 6.89 -16.00
C LYS A 130 3.24 8.12 -15.69
N VAL A 131 4.48 8.17 -16.16
CA VAL A 131 5.35 9.33 -16.00
C VAL A 131 5.36 10.05 -17.33
N THR A 132 4.80 11.26 -17.37
CA THR A 132 4.65 12.02 -18.61
C THR A 132 5.99 12.20 -19.28
N GLY A 133 6.03 11.89 -20.56
CA GLY A 133 7.24 12.04 -21.32
C GLY A 133 8.23 10.94 -21.15
N HIS A 134 7.89 9.91 -20.38
CA HIS A 134 8.79 8.77 -20.16
C HIS A 134 8.05 7.46 -20.40
N THR A 135 6.87 7.26 -19.83
CA THR A 135 6.12 6.06 -20.04
C THR A 135 5.61 6.05 -21.49
S SO4 B . -9.64 -16.53 10.09
O1 SO4 B . -9.26 -17.37 11.32
O2 SO4 B . -8.94 -15.25 10.17
O3 SO4 B . -11.02 -16.35 9.98
O4 SO4 B . -9.16 -17.27 8.92
#